data_5C0I
#
_entry.id   5C0I
#
_cell.length_a   55.700
_cell.length_b   79.740
_cell.length_c   58.080
_cell.angle_alpha   90.000
_cell.angle_beta   115.670
_cell.angle_gamma   90.000
#
_symmetry.space_group_name_H-M   'P 1 21 1'
#
loop_
_entity.id
_entity.type
_entity.pdbx_description
1 polymer 'HLA class I histocompatibility antigen, A-2 alpha chain'
2 polymer Beta-2-microglobulin
3 polymer 'Marker peptide'
4 non-polymer 1,2-ETHANEDIOL
5 non-polymer GLYCEROL
6 non-polymer 'SULFATE ION'
7 non-polymer 'CALCIUM ION'
8 water water
#
loop_
_entity_poly.entity_id
_entity_poly.type
_entity_poly.pdbx_seq_one_letter_code
_entity_poly.pdbx_strand_id
1 'polypeptide(L)'
;MGSHSMRYFFTSVSRPGRGEPRFIAVGYVDDTQFVRFDSDAASQRMEPRAPWIEQEGPEYWDGETRKVKAHSQTHRVDLG
TLRGYYNQSEAGSHTVQRMYGCDVGSDWRFLRGYHQYAYDGKDYIALKEDLRSWTAADMAAQTTKHKWEAAHVAEQLRAY
LEGTCVEWLRRYLENGKETLQRTDAPKTHMTHHAVSDHEATLRCWALSFYPAEITLTWQRDGEDQTQDTELVETRPAGDG
TFQKWAAVVVPSGQEQRYTCHVQHEGLPKPLTLRWEP
;
A
2 'polypeptide(L)'
;MIQRTPKIQVYSRHPAENGKSNFLNCYVSGFHPSDIEVDLLKNGERIEKVEHSDLSFSKDWSFYLLYYTEFTPTEKDEYA
CRVNHVTLSQPKIVKWDRDM
;
B
3 'polypeptide(L)' RQFGPDFPTI C
#
# COMPACT_ATOMS: atom_id res chain seq x y z
N MET A 1 10.26 -14.92 8.71
CA MET A 1 11.11 -13.81 8.13
C MET A 1 11.34 -12.64 9.11
N GLY A 2 12.13 -12.93 10.15
CA GLY A 2 12.56 -11.95 11.13
C GLY A 2 11.38 -11.27 11.80
N SER A 3 11.29 -9.97 11.56
CA SER A 3 10.36 -8.99 12.15
C SER A 3 9.02 -8.94 11.43
N HIS A 4 7.92 -8.61 12.13
CA HIS A 4 6.54 -8.75 11.50
C HIS A 4 5.63 -7.70 12.05
N SER A 5 4.57 -7.43 11.33
CA SER A 5 3.57 -6.48 11.76
C SER A 5 2.16 -6.92 11.34
N MET A 6 1.21 -6.50 12.15
CA MET A 6 -0.19 -6.58 11.76
C MET A 6 -0.76 -5.18 11.77
N ARG A 7 -1.48 -4.82 10.73
CA ARG A 7 -1.99 -3.45 10.63
C ARG A 7 -3.39 -3.46 10.00
N TYR A 8 -4.23 -2.61 10.52
CA TYR A 8 -5.54 -2.36 9.99
C TYR A 8 -5.68 -0.94 9.56
N PHE A 9 -6.28 -0.76 8.36
CA PHE A 9 -6.48 0.52 7.68
C PHE A 9 -7.98 0.75 7.43
N PHE A 10 -8.45 1.97 7.77
CA PHE A 10 -9.86 2.28 7.65
C PHE A 10 -10.02 3.62 6.95
N THR A 11 -10.94 3.69 5.96
CA THR A 11 -11.21 4.96 5.26
C THR A 11 -12.72 5.15 5.21
N SER A 12 -13.19 6.32 5.65
CA SER A 12 -14.62 6.65 5.48
C SER A 12 -14.73 7.93 4.75
N VAL A 13 -15.63 7.99 3.75
CA VAL A 13 -15.77 9.16 2.91
C VAL A 13 -17.26 9.58 2.89
N SER A 14 -17.56 10.81 3.35
CA SER A 14 -18.95 11.16 3.45
C SER A 14 -19.56 11.36 2.07
N ARG A 15 -20.88 11.16 2.01
CA ARG A 15 -21.67 11.25 0.78
C ARG A 15 -22.84 12.18 1.06
N PRO A 16 -22.57 13.47 1.08
CA PRO A 16 -23.61 14.45 1.41
C PRO A 16 -24.87 14.43 0.60
N GLY A 17 -24.82 14.05 -0.62
CA GLY A 17 -26.03 14.13 -1.38
C GLY A 17 -27.10 13.08 -1.04
N ARG A 18 -26.66 11.94 -0.59
CA ARG A 18 -27.52 10.85 -0.16
C ARG A 18 -26.80 9.77 0.55
N GLY A 19 -27.33 9.33 1.72
CA GLY A 19 -26.90 8.11 2.40
C GLY A 19 -25.68 8.15 3.33
N GLU A 20 -25.20 7.00 3.73
CA GLU A 20 -24.11 6.84 4.67
C GLU A 20 -22.76 6.96 3.98
N PRO A 21 -21.71 7.17 4.77
CA PRO A 21 -20.38 7.25 4.21
C PRO A 21 -19.95 5.92 3.55
N ARG A 22 -19.10 6.03 2.53
CA ARG A 22 -18.45 4.86 1.98
C ARG A 22 -17.43 4.48 3.00
N PHE A 23 -17.34 3.19 3.37
CA PHE A 23 -16.34 2.75 4.35
C PHE A 23 -15.66 1.53 3.81
N ILE A 24 -14.33 1.59 3.88
CA ILE A 24 -13.46 0.50 3.42
C ILE A 24 -12.44 0.19 4.48
N ALA A 25 -12.40 -1.05 4.96
CA ALA A 25 -11.38 -1.53 5.89
C ALA A 25 -10.55 -2.64 5.24
N VAL A 26 -9.26 -2.63 5.55
CA VAL A 26 -8.38 -3.72 5.10
C VAL A 26 -7.41 -4.10 6.22
N GLY A 27 -7.11 -5.39 6.34
CA GLY A 27 -6.12 -5.84 7.30
C GLY A 27 -4.94 -6.49 6.57
N TYR A 28 -3.72 -6.20 7.09
CA TYR A 28 -2.47 -6.78 6.58
C TYR A 28 -1.69 -7.48 7.67
N VAL A 29 -1.01 -8.57 7.31
CA VAL A 29 0.13 -9.08 8.05
C VAL A 29 1.29 -8.78 7.12
N ASP A 30 2.27 -8.03 7.59
CA ASP A 30 3.40 -7.65 6.74
C ASP A 30 2.80 -6.97 5.44
N ASP A 31 3.25 -7.44 4.26
CA ASP A 31 2.77 -6.86 3.05
C ASP A 31 1.64 -7.74 2.39
N THR A 32 1.02 -8.57 3.16
CA THR A 32 -0.06 -9.48 2.69
C THR A 32 -1.42 -9.00 3.25
N GLN A 33 -2.31 -8.62 2.36
CA GLN A 33 -3.68 -8.30 2.76
C GLN A 33 -4.40 -9.59 3.12
N PHE A 34 -5.14 -9.62 4.23
CA PHE A 34 -5.81 -10.86 4.61
C PHE A 34 -7.32 -10.74 4.85
N VAL A 35 -7.83 -9.57 5.08
CA VAL A 35 -9.27 -9.36 5.25
C VAL A 35 -9.64 -8.03 4.65
N ARG A 36 -10.91 -7.89 4.24
N ARG A 36 -10.94 -7.86 4.39
CA ARG A 36 -11.48 -6.61 3.84
CA ARG A 36 -11.49 -6.61 3.97
C ARG A 36 -12.91 -6.47 4.39
C ARG A 36 -12.96 -6.48 4.28
N PHE A 37 -13.37 -5.22 4.42
CA PHE A 37 -14.78 -4.90 4.55
C PHE A 37 -15.03 -3.73 3.65
N ASP A 38 -16.08 -3.78 2.85
CA ASP A 38 -16.50 -2.65 2.07
C ASP A 38 -18.00 -2.44 2.28
N SER A 39 -18.38 -1.24 2.70
CA SER A 39 -19.78 -0.95 2.96
C SER A 39 -20.63 -1.08 1.71
N ASP A 40 -20.03 -0.95 0.53
CA ASP A 40 -20.82 -1.09 -0.72
C ASP A 40 -20.95 -2.51 -1.28
N ALA A 41 -20.26 -3.47 -0.68
CA ALA A 41 -20.36 -4.84 -1.09
C ALA A 41 -21.63 -5.49 -0.53
N ALA A 42 -22.07 -6.52 -1.22
CA ALA A 42 -23.31 -7.20 -0.89
C ALA A 42 -23.26 -7.95 0.43
N SER A 43 -22.15 -8.60 0.75
CA SER A 43 -22.14 -9.47 1.92
C SER A 43 -22.39 -8.76 3.23
N GLN A 44 -21.95 -7.51 3.38
CA GLN A 44 -22.01 -6.88 4.67
C GLN A 44 -21.30 -7.69 5.78
N ARG A 45 -20.23 -8.38 5.39
CA ARG A 45 -19.41 -9.15 6.35
C ARG A 45 -17.94 -8.77 6.14
N MET A 46 -17.14 -8.97 7.20
CA MET A 46 -15.68 -9.03 6.95
C MET A 46 -15.41 -10.25 6.11
N GLU A 47 -14.54 -10.11 5.09
CA GLU A 47 -14.28 -11.16 4.10
C GLU A 47 -12.82 -11.55 4.10
N PRO A 48 -12.54 -12.81 3.80
CA PRO A 48 -11.13 -13.26 3.69
C PRO A 48 -10.52 -12.83 2.40
N ARG A 49 -9.22 -12.51 2.44
N ARG A 49 -9.20 -12.58 2.46
CA ARG A 49 -8.44 -12.15 1.24
CA ARG A 49 -8.40 -12.15 1.29
C ARG A 49 -7.16 -13.01 1.12
C ARG A 49 -7.04 -12.85 1.27
N ALA A 50 -6.92 -13.87 2.10
CA ALA A 50 -5.78 -14.83 2.05
C ALA A 50 -6.25 -16.22 2.48
N PRO A 51 -5.64 -17.25 1.92
CA PRO A 51 -6.15 -18.58 2.20
C PRO A 51 -6.04 -19.05 3.63
N TRP A 52 -5.00 -18.62 4.32
CA TRP A 52 -4.77 -19.02 5.69
C TRP A 52 -5.73 -18.46 6.73
N ILE A 53 -6.46 -17.40 6.39
CA ILE A 53 -7.47 -16.92 7.32
C ILE A 53 -8.84 -17.66 7.16
N GLU A 54 -9.04 -18.33 6.04
CA GLU A 54 -10.31 -19.01 5.76
C GLU A 54 -10.59 -20.13 6.75
N GLN A 55 -9.57 -20.66 7.41
CA GLN A 55 -9.79 -21.62 8.41
C GLN A 55 -10.36 -21.09 9.71
N GLU A 56 -10.40 -19.77 9.96
CA GLU A 56 -11.01 -19.29 11.21
C GLU A 56 -12.53 -19.62 11.13
N GLY A 57 -13.08 -19.88 12.29
CA GLY A 57 -14.47 -20.43 12.39
C GLY A 57 -15.48 -19.29 12.41
N PRO A 58 -16.74 -19.64 12.50
CA PRO A 58 -17.77 -18.60 12.42
C PRO A 58 -17.78 -17.62 13.52
N GLU A 59 -17.37 -17.98 14.74
CA GLU A 59 -17.34 -17.02 15.83
C GLU A 59 -16.35 -15.85 15.50
N TYR A 60 -15.24 -16.19 14.83
CA TYR A 60 -14.27 -15.23 14.34
C TYR A 60 -14.90 -14.21 13.37
N TRP A 61 -15.53 -14.76 12.30
CA TRP A 61 -16.12 -13.92 11.29
C TRP A 61 -17.25 -13.08 11.84
N ASP A 62 -18.04 -13.67 12.71
CA ASP A 62 -19.14 -12.86 13.39
C ASP A 62 -18.56 -11.68 14.18
N GLY A 63 -17.52 -11.97 14.96
CA GLY A 63 -16.87 -10.98 15.81
C GLY A 63 -16.22 -9.90 15.05
N GLU A 64 -15.49 -10.31 14.02
CA GLU A 64 -14.78 -9.32 13.21
C GLU A 64 -15.74 -8.45 12.39
N THR A 65 -16.85 -9.05 11.99
CA THR A 65 -17.90 -8.24 11.31
C THR A 65 -18.54 -7.27 12.29
N ARG A 66 -18.85 -7.71 13.49
CA ARG A 66 -19.46 -6.80 14.48
C ARG A 66 -18.55 -5.60 14.79
N LYS A 67 -17.26 -5.87 14.98
CA LYS A 67 -16.28 -4.79 15.20
C LYS A 67 -16.14 -3.85 14.10
N VAL A 68 -16.03 -4.35 12.86
CA VAL A 68 -15.78 -3.46 11.78
C VAL A 68 -17.03 -2.59 11.45
N LYS A 69 -18.19 -3.14 11.64
CA LYS A 69 -19.46 -2.37 11.42
C LYS A 69 -19.58 -1.29 12.49
N ALA A 70 -19.23 -1.64 13.73
CA ALA A 70 -19.24 -0.67 14.83
C ALA A 70 -18.29 0.49 14.51
N HIS A 71 -17.13 0.10 14.04
CA HIS A 71 -16.10 1.09 13.67
C HIS A 71 -16.62 2.04 12.56
N SER A 72 -17.36 1.48 11.61
CA SER A 72 -17.92 2.29 10.52
C SER A 72 -18.88 3.34 11.08
N GLN A 73 -19.67 2.92 12.05
CA GLN A 73 -20.62 3.87 12.68
C GLN A 73 -19.91 4.95 13.51
N THR A 74 -18.79 4.59 14.15
CA THR A 74 -17.98 5.60 14.82
C THR A 74 -17.47 6.64 13.87
N HIS A 75 -17.00 6.23 12.67
CA HIS A 75 -16.53 7.19 11.70
C HIS A 75 -17.69 8.01 11.15
N ARG A 76 -18.89 7.44 11.06
CA ARG A 76 -20.06 8.17 10.52
C ARG A 76 -20.32 9.35 11.51
N VAL A 77 -20.27 9.06 12.81
CA VAL A 77 -20.49 10.10 13.81
C VAL A 77 -19.36 11.13 13.69
N ASP A 78 -18.12 10.65 13.63
CA ASP A 78 -16.94 11.56 13.51
C ASP A 78 -17.02 12.53 12.34
N LEU A 79 -17.44 12.06 11.16
CA LEU A 79 -17.56 12.96 10.02
C LEU A 79 -18.52 14.11 10.35
N GLY A 80 -19.66 13.81 11.02
CA GLY A 80 -20.49 14.94 11.39
C GLY A 80 -19.91 15.87 12.45
N THR A 81 -19.26 15.30 13.46
CA THR A 81 -18.59 16.13 14.47
C THR A 81 -17.51 17.03 13.87
N LEU A 82 -16.65 16.42 13.01
CA LEU A 82 -15.55 17.17 12.41
C LEU A 82 -16.02 18.28 11.49
N ARG A 83 -17.14 18.06 10.78
N ARG A 83 -17.14 18.09 10.79
CA ARG A 83 -17.67 19.08 9.88
CA ARG A 83 -17.62 19.11 9.86
C ARG A 83 -17.92 20.30 10.73
C ARG A 83 -18.02 20.33 10.69
N GLY A 84 -18.52 20.08 11.90
CA GLY A 84 -18.84 21.19 12.81
C GLY A 84 -17.61 21.86 13.43
N TYR A 85 -16.65 21.07 13.88
CA TYR A 85 -15.37 21.57 14.41
C TYR A 85 -14.65 22.46 13.42
N TYR A 86 -14.70 22.14 12.13
CA TYR A 86 -13.96 22.85 11.10
C TYR A 86 -14.85 23.86 10.33
N ASN A 87 -16.06 24.05 10.82
CA ASN A 87 -17.02 24.98 10.24
C ASN A 87 -17.20 24.79 8.72
N GLN A 88 -17.45 23.54 8.32
CA GLN A 88 -17.52 23.22 6.92
C GLN A 88 -18.97 23.05 6.53
N SER A 89 -19.24 23.26 5.24
CA SER A 89 -20.58 23.15 4.61
C SER A 89 -21.06 21.72 4.70
N GLU A 90 -22.36 21.51 4.72
CA GLU A 90 -22.87 20.16 4.61
C GLU A 90 -22.82 19.66 3.18
N ALA A 91 -22.38 20.46 2.24
CA ALA A 91 -22.42 20.10 0.83
C ALA A 91 -21.23 19.24 0.38
N GLY A 92 -20.13 19.32 1.09
CA GLY A 92 -18.90 18.73 0.63
C GLY A 92 -18.68 17.32 1.17
N SER A 93 -17.92 16.52 0.42
CA SER A 93 -17.47 15.22 0.92
C SER A 93 -16.13 15.40 1.66
N HIS A 94 -16.02 14.69 2.77
CA HIS A 94 -14.80 14.67 3.60
C HIS A 94 -14.40 13.27 3.94
N THR A 95 -13.16 13.13 4.42
CA THR A 95 -12.58 11.83 4.62
C THR A 95 -11.99 11.69 6.02
N VAL A 96 -12.26 10.56 6.67
N VAL A 96 -12.28 10.57 6.70
CA VAL A 96 -11.61 10.17 7.89
CA VAL A 96 -11.53 10.17 7.88
C VAL A 96 -10.73 8.97 7.50
C VAL A 96 -10.81 8.86 7.63
N GLN A 97 -9.58 8.85 8.17
CA GLN A 97 -8.73 7.65 8.02
C GLN A 97 -8.19 7.27 9.39
N ARG A 98 -8.09 5.95 9.67
CA ARG A 98 -7.45 5.48 10.88
C ARG A 98 -6.54 4.30 10.52
N MET A 99 -5.37 4.21 11.15
CA MET A 99 -4.57 3.02 11.05
C MET A 99 -4.12 2.62 12.41
N TYR A 100 -4.11 1.30 12.74
CA TYR A 100 -3.54 0.87 14.01
C TYR A 100 -2.93 -0.50 13.81
N GLY A 101 -2.05 -0.87 14.76
CA GLY A 101 -1.39 -2.14 14.60
C GLY A 101 -0.20 -2.30 15.52
N CYS A 102 0.49 -3.42 15.35
CA CYS A 102 1.58 -3.77 16.19
C CYS A 102 2.68 -4.44 15.40
N ASP A 103 3.88 -4.23 15.92
CA ASP A 103 5.10 -4.91 15.38
C ASP A 103 5.67 -5.81 16.43
N VAL A 104 6.22 -6.95 15.97
CA VAL A 104 7.04 -7.84 16.79
C VAL A 104 8.42 -7.98 16.15
N GLY A 105 9.42 -8.28 16.97
CA GLY A 105 10.77 -8.49 16.54
C GLY A 105 10.90 -9.91 15.99
N SER A 106 12.10 -10.27 15.59
N SER A 106 12.13 -10.27 15.59
CA SER A 106 12.35 -11.63 15.13
CA SER A 106 12.46 -11.65 15.13
C SER A 106 12.04 -12.68 16.18
C SER A 106 12.24 -12.73 16.22
N ASP A 107 12.14 -12.26 17.46
CA ASP A 107 11.77 -13.08 18.59
C ASP A 107 10.25 -13.22 18.79
N TRP A 108 9.48 -12.59 17.94
CA TRP A 108 8.04 -12.58 17.97
C TRP A 108 7.50 -11.99 19.26
N ARG A 109 8.29 -11.15 19.90
CA ARG A 109 7.84 -10.39 21.09
C ARG A 109 7.53 -8.99 20.70
N PHE A 110 6.61 -8.40 21.45
CA PHE A 110 6.20 -7.06 21.17
C PHE A 110 7.36 -6.05 21.00
N LEU A 111 7.28 -5.22 19.96
CA LEU A 111 8.28 -4.23 19.61
C LEU A 111 7.70 -2.83 19.72
N ARG A 112 6.53 -2.59 19.08
CA ARG A 112 5.90 -1.31 19.20
C ARG A 112 4.47 -1.42 18.70
N GLY A 113 3.69 -0.45 19.10
CA GLY A 113 2.30 -0.34 18.67
C GLY A 113 1.99 1.06 18.21
N TYR A 114 0.87 1.19 17.50
CA TYR A 114 0.55 2.50 16.89
C TYR A 114 -0.93 2.63 16.64
N HIS A 115 -1.39 3.88 16.66
CA HIS A 115 -2.78 4.20 16.36
C HIS A 115 -2.78 5.64 15.92
N GLN A 116 -3.14 5.88 14.67
N GLN A 116 -3.17 5.89 14.68
CA GLN A 116 -3.23 7.25 14.21
CA GLN A 116 -3.11 7.22 14.06
C GLN A 116 -4.47 7.51 13.38
C GLN A 116 -4.45 7.51 13.36
N TYR A 117 -4.85 8.77 13.42
CA TYR A 117 -6.14 9.22 12.85
C TYR A 117 -5.95 10.50 12.08
N ALA A 118 -6.61 10.60 10.90
CA ALA A 118 -6.52 11.78 10.01
C ALA A 118 -7.87 12.22 9.55
N TYR A 119 -7.94 13.53 9.32
CA TYR A 119 -9.12 14.17 8.71
C TYR A 119 -8.69 14.91 7.50
N ASP A 120 -9.42 14.68 6.38
CA ASP A 120 -9.11 15.26 5.11
C ASP A 120 -7.57 15.19 4.73
N GLY A 121 -7.02 14.02 5.06
CA GLY A 121 -5.65 13.67 4.64
C GLY A 121 -4.54 14.34 5.44
N LYS A 122 -4.89 14.92 6.57
CA LYS A 122 -3.91 15.51 7.46
C LYS A 122 -4.02 14.93 8.86
N ASP A 123 -2.87 14.84 9.51
CA ASP A 123 -2.83 14.31 10.83
C ASP A 123 -3.87 15.02 11.70
N TYR A 124 -4.56 14.23 12.49
CA TYR A 124 -5.51 14.77 13.51
C TYR A 124 -5.03 14.42 14.94
N ILE A 125 -5.06 13.08 15.32
CA ILE A 125 -4.57 12.69 16.62
C ILE A 125 -3.86 11.37 16.45
N ALA A 126 -2.85 11.14 17.29
CA ALA A 126 -2.08 9.89 17.21
C ALA A 126 -1.66 9.49 18.60
N LEU A 127 -1.59 8.17 18.83
CA LEU A 127 -0.99 7.68 20.04
C LEU A 127 0.52 7.80 20.00
N LYS A 128 1.16 8.21 21.09
CA LYS A 128 2.64 8.26 21.10
C LYS A 128 3.19 6.84 21.33
N GLU A 129 4.49 6.70 21.06
CA GLU A 129 5.17 5.41 21.11
C GLU A 129 5.05 4.79 22.50
N ASP A 130 4.97 5.59 23.57
CA ASP A 130 4.79 5.01 24.89
C ASP A 130 3.40 4.36 25.13
N LEU A 131 2.49 4.56 24.19
CA LEU A 131 1.13 4.07 24.29
C LEU A 131 0.39 4.56 25.52
N ARG A 132 0.81 5.73 25.99
CA ARG A 132 0.21 6.32 27.18
C ARG A 132 -0.29 7.74 26.97
N SER A 133 0.09 8.38 25.89
CA SER A 133 -0.17 9.80 25.69
C SER A 133 -0.49 10.02 24.21
N TRP A 134 -0.98 11.21 23.90
CA TRP A 134 -1.49 11.49 22.59
C TRP A 134 -0.79 12.76 22.03
N THR A 135 -0.70 12.79 20.69
CA THR A 135 -0.22 13.95 19.91
C THR A 135 -1.47 14.46 19.14
N ALA A 136 -1.86 15.70 19.49
CA ALA A 136 -2.96 16.37 18.81
C ALA A 136 -2.43 17.49 17.92
N ALA A 137 -2.86 17.48 16.63
CA ALA A 137 -2.28 18.45 15.66
C ALA A 137 -2.75 19.87 15.76
N ASP A 138 -3.99 20.08 16.20
CA ASP A 138 -4.59 21.38 16.26
C ASP A 138 -5.64 21.44 17.42
N MET A 139 -6.35 22.52 17.51
CA MET A 139 -7.21 22.70 18.74
C MET A 139 -8.47 21.85 18.70
N ALA A 140 -8.94 21.44 17.54
CA ALA A 140 -10.01 20.44 17.49
C ALA A 140 -9.58 19.11 18.07
N ALA A 141 -8.44 18.63 17.55
CA ALA A 141 -7.86 17.39 18.05
C ALA A 141 -7.49 17.51 19.52
N GLN A 142 -7.13 18.70 20.02
N GLN A 142 -7.14 18.70 20.00
CA GLN A 142 -6.83 18.85 21.45
CA GLN A 142 -6.86 18.88 21.40
C GLN A 142 -8.10 18.55 22.28
C GLN A 142 -8.11 18.54 22.26
N THR A 143 -9.26 18.98 21.79
CA THR A 143 -10.55 18.62 22.48
C THR A 143 -10.71 17.11 22.50
N THR A 144 -10.49 16.46 21.39
CA THR A 144 -10.51 14.98 21.31
C THR A 144 -9.55 14.38 22.35
N LYS A 145 -8.34 14.89 22.42
CA LYS A 145 -7.35 14.34 23.35
C LYS A 145 -7.84 14.41 24.77
N HIS A 146 -8.42 15.55 25.17
CA HIS A 146 -8.94 15.61 26.55
C HIS A 146 -10.08 14.54 26.74
N LYS A 147 -10.96 14.44 25.76
CA LYS A 147 -12.06 13.44 25.80
C LYS A 147 -11.53 12.01 26.03
N TRP A 148 -10.55 11.67 25.23
CA TRP A 148 -9.94 10.33 25.26
C TRP A 148 -9.09 10.07 26.50
N GLU A 149 -8.43 11.10 27.03
CA GLU A 149 -7.77 10.98 28.33
C GLU A 149 -8.77 10.69 29.47
N ALA A 150 -9.87 11.46 29.51
CA ALA A 150 -10.95 11.27 30.51
C ALA A 150 -11.52 9.83 30.45
N ALA A 151 -11.57 9.24 29.28
CA ALA A 151 -12.12 7.93 29.05
C ALA A 151 -11.08 6.80 29.09
N HIS A 152 -9.82 7.12 29.34
CA HIS A 152 -8.75 6.11 29.46
C HIS A 152 -8.61 5.25 28.22
N VAL A 153 -8.74 5.85 27.06
CA VAL A 153 -8.67 5.17 25.80
C VAL A 153 -7.27 4.59 25.56
N ALA A 154 -6.22 5.37 25.89
CA ALA A 154 -4.84 4.90 25.69
C ALA A 154 -4.62 3.57 26.44
N GLU A 155 -5.10 3.45 27.67
CA GLU A 155 -4.90 2.22 28.44
C GLU A 155 -5.59 0.99 27.77
N GLN A 156 -6.75 1.21 27.19
CA GLN A 156 -7.44 0.14 26.47
C GLN A 156 -6.69 -0.24 25.25
N LEU A 157 -6.25 0.75 24.47
CA LEU A 157 -5.45 0.46 23.28
C LEU A 157 -4.16 -0.21 23.62
N ARG A 158 -3.51 0.26 24.66
N ARG A 158 -3.47 0.26 24.67
CA ARG A 158 -2.25 -0.32 25.03
CA ARG A 158 -2.16 -0.36 25.05
C ARG A 158 -2.40 -1.81 25.35
C ARG A 158 -2.36 -1.84 25.41
N ALA A 159 -3.41 -2.19 26.12
CA ALA A 159 -3.63 -3.57 26.46
C ALA A 159 -3.81 -4.43 25.22
N TYR A 160 -4.56 -3.90 24.25
CA TYR A 160 -4.74 -4.59 22.98
C TYR A 160 -3.41 -4.73 22.22
N LEU A 161 -2.70 -3.64 22.12
CA LEU A 161 -1.54 -3.59 21.20
C LEU A 161 -0.41 -4.43 21.74
N GLU A 162 -0.31 -4.56 23.07
CA GLU A 162 0.77 -5.37 23.69
C GLU A 162 0.33 -6.80 23.94
N GLY A 163 -0.96 -7.06 23.84
CA GLY A 163 -1.56 -8.32 24.21
C GLY A 163 -2.18 -8.97 22.99
N THR A 164 -3.49 -8.83 22.85
CA THR A 164 -4.22 -9.46 21.74
C THR A 164 -3.58 -9.30 20.37
N CYS A 165 -3.12 -8.08 20.05
CA CYS A 165 -2.58 -7.82 18.71
C CYS A 165 -1.41 -8.77 18.44
N VAL A 166 -0.51 -8.82 19.40
CA VAL A 166 0.68 -9.67 19.27
C VAL A 166 0.29 -11.15 19.20
N GLU A 167 -0.63 -11.57 20.05
CA GLU A 167 -0.97 -12.99 20.16
C GLU A 167 -1.61 -13.44 18.84
N TRP A 168 -2.49 -12.61 18.30
CA TRP A 168 -3.13 -13.01 17.00
C TRP A 168 -2.20 -12.90 15.80
N LEU A 169 -1.31 -11.90 15.79
CA LEU A 169 -0.26 -11.81 14.74
C LEU A 169 0.52 -13.13 14.76
N ARG A 170 0.90 -13.60 15.94
N ARG A 170 0.91 -13.58 15.95
CA ARG A 170 1.66 -14.83 16.02
CA ARG A 170 1.67 -14.82 16.04
C ARG A 170 0.89 -16.05 15.52
C ARG A 170 0.88 -16.03 15.51
N ARG A 171 -0.41 -16.07 15.86
CA ARG A 171 -1.28 -17.16 15.39
C ARG A 171 -1.34 -17.14 13.83
N TYR A 172 -1.50 -15.96 13.24
CA TYR A 172 -1.54 -15.80 11.78
C TYR A 172 -0.22 -16.25 11.16
N LEU A 173 0.88 -15.80 11.75
CA LEU A 173 2.20 -16.20 11.17
C LEU A 173 2.37 -17.69 11.14
N GLU A 174 1.89 -18.39 12.14
N GLU A 174 1.93 -18.35 12.21
CA GLU A 174 2.09 -19.81 12.09
CA GLU A 174 1.93 -19.81 12.27
C GLU A 174 1.03 -20.59 11.28
C GLU A 174 1.06 -20.39 11.16
N ASN A 175 -0.21 -20.09 11.24
CA ASN A 175 -1.18 -20.63 10.33
C ASN A 175 -0.88 -20.34 8.83
N GLY A 176 -0.30 -19.19 8.50
CA GLY A 176 -0.02 -18.82 7.11
C GLY A 176 1.49 -19.03 6.83
N LYS A 177 2.15 -19.85 7.62
CA LYS A 177 3.60 -20.03 7.56
C LYS A 177 4.19 -20.20 6.18
N GLU A 178 3.62 -21.08 5.35
N GLU A 178 3.51 -21.04 5.38
CA GLU A 178 4.28 -21.41 4.08
CA GLU A 178 3.85 -21.43 4.00
C GLU A 178 4.38 -20.17 3.17
C GLU A 178 4.31 -20.22 3.20
N THR A 179 3.54 -19.16 3.36
CA THR A 179 3.79 -17.90 2.73
C THR A 179 4.29 -16.77 3.60
N LEU A 180 3.67 -16.56 4.75
CA LEU A 180 4.03 -15.40 5.54
C LEU A 180 5.47 -15.45 6.08
N GLN A 181 6.01 -16.66 6.28
CA GLN A 181 7.36 -16.83 6.84
C GLN A 181 8.35 -17.15 5.72
N ARG A 182 7.88 -17.13 4.49
CA ARG A 182 8.76 -17.28 3.28
C ARG A 182 9.23 -15.93 2.80
N THR A 183 10.51 -15.78 2.55
CA THR A 183 11.03 -14.64 1.85
C THR A 183 11.30 -15.00 0.40
N ASP A 184 10.82 -14.17 -0.49
CA ASP A 184 11.08 -14.30 -1.92
C ASP A 184 12.14 -13.29 -2.36
N ALA A 185 13.35 -13.78 -2.55
CA ALA A 185 14.40 -12.90 -2.98
C ALA A 185 14.17 -12.36 -4.39
N PRO A 186 14.58 -11.12 -4.67
CA PRO A 186 14.35 -10.60 -6.00
C PRO A 186 15.06 -11.42 -7.08
N LYS A 187 14.35 -11.63 -8.16
CA LYS A 187 14.89 -12.15 -9.43
C LYS A 187 15.40 -10.96 -10.19
N THR A 188 16.71 -10.93 -10.43
CA THR A 188 17.33 -9.72 -10.94
C THR A 188 17.94 -9.93 -12.34
N HIS A 189 18.00 -8.86 -13.12
CA HIS A 189 18.61 -8.83 -14.43
C HIS A 189 18.87 -7.39 -14.88
N MET A 190 19.75 -7.20 -15.84
CA MET A 190 20.03 -5.90 -16.35
C MET A 190 19.67 -5.82 -17.82
N THR A 191 19.07 -4.72 -18.25
CA THR A 191 18.85 -4.42 -19.66
C THR A 191 19.61 -3.14 -20.11
N HIS A 192 19.76 -3.04 -21.41
CA HIS A 192 20.60 -2.02 -22.05
C HIS A 192 19.84 -1.33 -23.17
N HIS A 193 19.85 -0.01 -23.17
CA HIS A 193 19.04 0.77 -24.10
C HIS A 193 19.87 1.87 -24.66
N ALA A 194 20.26 1.76 -25.92
CA ALA A 194 21.02 2.82 -26.55
C ALA A 194 20.13 4.09 -26.65
N VAL A 195 20.62 5.22 -26.19
CA VAL A 195 19.95 6.52 -26.30
C VAL A 195 20.40 7.27 -27.55
N SER A 196 21.70 7.22 -27.85
CA SER A 196 22.31 7.81 -28.99
C SER A 196 23.55 6.95 -29.33
N ASP A 197 24.35 7.38 -30.27
CA ASP A 197 25.61 6.71 -30.56
C ASP A 197 26.61 6.77 -29.36
N HIS A 198 26.38 7.68 -28.41
CA HIS A 198 27.39 8.03 -27.46
C HIS A 198 26.95 7.80 -26.02
N GLU A 199 25.68 7.46 -25.80
CA GLU A 199 25.20 7.21 -24.45
C GLU A 199 24.15 6.14 -24.45
N ALA A 200 24.13 5.42 -23.36
CA ALA A 200 23.19 4.30 -23.13
C ALA A 200 22.60 4.31 -21.73
N THR A 201 21.44 3.71 -21.56
CA THR A 201 20.80 3.52 -20.28
C THR A 201 20.94 2.05 -19.91
N LEU A 202 21.48 1.80 -18.73
CA LEU A 202 21.42 0.48 -18.07
C LEU A 202 20.28 0.50 -17.06
N ARG A 203 19.45 -0.50 -17.12
CA ARG A 203 18.31 -0.63 -16.21
C ARG A 203 18.42 -1.95 -15.42
N CYS A 204 18.44 -1.81 -14.11
N CYS A 204 18.53 -1.83 -14.10
CA CYS A 204 18.58 -2.93 -13.20
CA CYS A 204 18.65 -3.04 -13.23
C CYS A 204 17.18 -3.25 -12.70
C CYS A 204 17.30 -3.32 -12.53
N TRP A 205 16.83 -4.53 -12.78
CA TRP A 205 15.48 -5.01 -12.44
C TRP A 205 15.49 -5.90 -11.23
N ALA A 206 14.52 -5.71 -10.36
CA ALA A 206 14.24 -6.61 -9.28
C ALA A 206 12.79 -7.03 -9.38
N LEU A 207 12.56 -8.33 -9.54
CA LEU A 207 11.19 -8.82 -9.84
C LEU A 207 10.78 -9.92 -8.87
N SER A 208 9.49 -10.04 -8.61
CA SER A 208 8.89 -11.19 -7.94
C SER A 208 9.39 -11.35 -6.47
N PHE A 209 9.61 -10.22 -5.81
CA PHE A 209 10.12 -10.26 -4.45
C PHE A 209 9.09 -10.04 -3.37
N TYR A 210 9.41 -10.46 -2.17
CA TYR A 210 8.51 -10.30 -1.00
C TYR A 210 9.40 -10.50 0.24
N PRO A 211 9.38 -9.63 1.22
CA PRO A 211 8.46 -8.42 1.30
C PRO A 211 8.84 -7.34 0.41
N ALA A 212 8.08 -6.23 0.44
CA ALA A 212 8.31 -5.14 -0.48
C ALA A 212 9.53 -4.27 -0.26
N GLU A 213 10.01 -4.21 0.97
CA GLU A 213 11.22 -3.43 1.30
C GLU A 213 12.42 -3.93 0.46
N ILE A 214 13.09 -3.03 -0.21
CA ILE A 214 14.26 -3.32 -1.04
C ILE A 214 15.09 -2.07 -1.21
N THR A 215 16.38 -2.24 -1.49
CA THR A 215 17.24 -1.11 -1.85
C THR A 215 18.01 -1.45 -3.11
N LEU A 216 17.91 -0.61 -4.14
CA LEU A 216 18.67 -0.68 -5.40
C LEU A 216 19.56 0.51 -5.45
N THR A 217 20.85 0.30 -5.68
N THR A 217 20.88 0.32 -5.62
CA THR A 217 21.69 1.44 -5.82
CA THR A 217 21.80 1.48 -5.71
C THR A 217 22.63 1.17 -6.99
C THR A 217 22.87 1.24 -6.76
N TRP A 218 23.10 2.25 -7.59
CA TRP A 218 24.15 2.24 -8.59
C TRP A 218 25.45 2.76 -8.07
N GLN A 219 26.54 2.09 -8.45
CA GLN A 219 27.88 2.50 -8.21
C GLN A 219 28.67 2.67 -9.52
N ARG A 220 29.56 3.65 -9.55
N ARG A 220 29.62 3.61 -9.47
CA ARG A 220 30.52 3.78 -10.65
CA ARG A 220 30.54 3.87 -10.54
C ARG A 220 31.88 3.62 -10.04
C ARG A 220 31.91 3.62 -9.99
N ASP A 221 32.66 2.67 -10.57
CA ASP A 221 34.02 2.40 -10.02
C ASP A 221 33.96 2.21 -8.49
N GLY A 222 32.90 1.55 -8.00
CA GLY A 222 32.82 1.23 -6.58
C GLY A 222 32.38 2.35 -5.66
N GLU A 223 31.86 3.47 -6.21
CA GLU A 223 31.30 4.52 -5.36
C GLU A 223 29.89 4.84 -5.80
N ASP A 224 29.05 5.11 -4.82
CA ASP A 224 27.61 5.38 -5.10
C ASP A 224 27.42 6.55 -6.05
N GLN A 225 26.48 6.39 -6.99
CA GLN A 225 26.16 7.41 -7.94
C GLN A 225 24.66 7.60 -7.89
N THR A 226 24.25 8.85 -7.69
CA THR A 226 22.85 9.21 -7.87
C THR A 226 22.60 10.14 -9.07
N GLN A 227 23.54 10.97 -9.45
CA GLN A 227 23.32 11.74 -10.66
C GLN A 227 23.18 10.87 -11.90
N ASP A 228 22.33 11.34 -12.81
CA ASP A 228 22.07 10.58 -14.04
C ASP A 228 21.46 9.24 -13.75
N THR A 229 20.75 9.12 -12.63
CA THR A 229 19.98 7.90 -12.31
C THR A 229 18.50 8.15 -12.19
N GLU A 230 17.74 7.09 -12.28
CA GLU A 230 16.28 7.14 -12.03
C GLU A 230 15.86 5.90 -11.28
N LEU A 231 14.88 5.97 -10.36
CA LEU A 231 14.48 4.85 -9.54
C LEU A 231 12.94 4.95 -9.48
N VAL A 232 12.20 3.97 -9.90
CA VAL A 232 10.72 3.96 -9.77
C VAL A 232 10.29 3.46 -8.40
N GLU A 233 9.11 3.92 -7.98
N GLU A 233 9.12 3.91 -7.98
CA GLU A 233 8.46 3.48 -6.74
CA GLU A 233 8.56 3.42 -6.77
C GLU A 233 8.22 1.96 -6.84
C GLU A 233 8.27 1.93 -6.85
N THR A 234 8.46 1.24 -5.74
CA THR A 234 8.15 -0.20 -5.65
C THR A 234 6.65 -0.40 -5.91
N ARG A 235 6.37 -1.42 -6.73
CA ARG A 235 5.04 -1.60 -7.27
C ARG A 235 4.60 -3.03 -7.17
N PRO A 236 3.32 -3.28 -6.95
CA PRO A 236 2.81 -4.65 -6.77
C PRO A 236 2.75 -5.35 -8.15
N ALA A 237 3.17 -6.62 -8.21
CA ALA A 237 2.98 -7.38 -9.44
C ALA A 237 1.55 -7.88 -9.63
N GLY A 238 0.77 -7.98 -8.56
CA GLY A 238 -0.61 -8.50 -8.57
C GLY A 238 -0.77 -9.89 -8.07
N ASP A 239 0.36 -10.61 -7.94
CA ASP A 239 0.34 -11.99 -7.43
C ASP A 239 0.89 -12.10 -6.01
N GLY A 240 0.96 -10.96 -5.33
CA GLY A 240 1.45 -10.91 -3.97
C GLY A 240 2.90 -10.43 -3.88
N THR A 241 3.65 -10.47 -4.99
CA THR A 241 5.04 -10.00 -5.00
C THR A 241 5.16 -8.56 -5.53
N PHE A 242 6.40 -8.05 -5.53
CA PHE A 242 6.69 -6.68 -5.83
C PHE A 242 7.76 -6.59 -6.93
N GLN A 243 7.86 -5.42 -7.53
CA GLN A 243 8.79 -5.09 -8.55
C GLN A 243 9.41 -3.73 -8.33
N LYS A 244 10.64 -3.55 -8.84
CA LYS A 244 11.29 -2.26 -8.83
C LYS A 244 12.40 -2.25 -9.87
N TRP A 245 12.77 -1.07 -10.37
CA TRP A 245 13.97 -0.94 -11.19
C TRP A 245 14.63 0.40 -10.90
N ALA A 246 15.92 0.44 -11.28
CA ALA A 246 16.75 1.59 -11.14
C ALA A 246 17.50 1.67 -12.42
N ALA A 247 17.82 2.88 -12.91
CA ALA A 247 18.53 3.00 -14.18
C ALA A 247 19.61 4.08 -14.07
N VAL A 248 20.61 4.00 -14.95
CA VAL A 248 21.65 4.97 -15.02
C VAL A 248 21.97 5.22 -16.49
N VAL A 249 22.33 6.47 -16.83
CA VAL A 249 22.80 6.80 -18.16
C VAL A 249 24.31 6.88 -18.14
N VAL A 250 24.96 6.19 -19.09
CA VAL A 250 26.45 6.04 -19.12
C VAL A 250 27.00 6.32 -20.50
N PRO A 251 28.28 6.68 -20.59
CA PRO A 251 28.89 6.82 -21.88
C PRO A 251 28.99 5.42 -22.52
N SER A 252 28.45 5.30 -23.73
N SER A 252 28.76 5.43 -23.82
CA SER A 252 28.52 4.03 -24.45
CA SER A 252 28.82 4.21 -24.62
C SER A 252 30.00 3.61 -24.51
C SER A 252 30.19 3.64 -24.51
N GLY A 253 30.24 2.34 -24.19
CA GLY A 253 31.54 1.70 -24.07
C GLY A 253 32.05 1.62 -22.64
N GLN A 254 31.46 2.38 -21.69
CA GLN A 254 31.93 2.40 -20.30
C GLN A 254 30.98 1.66 -19.36
N GLU A 255 30.08 0.85 -19.94
CA GLU A 255 29.09 0.14 -19.16
C GLU A 255 29.70 -0.72 -18.00
N GLN A 256 30.84 -1.32 -18.23
CA GLN A 256 31.47 -2.22 -17.25
C GLN A 256 31.94 -1.55 -15.91
N ARG A 257 32.01 -0.21 -15.87
CA ARG A 257 32.41 0.54 -14.69
C ARG A 257 31.30 0.58 -13.70
N TYR A 258 30.07 0.31 -14.14
CA TYR A 258 28.87 0.53 -13.36
C TYR A 258 28.40 -0.77 -12.74
N THR A 259 27.97 -0.68 -11.51
CA THR A 259 27.36 -1.86 -10.86
C THR A 259 26.07 -1.50 -10.11
N CYS A 260 25.11 -2.43 -10.17
N CYS A 260 25.10 -2.41 -10.16
CA CYS A 260 23.83 -2.36 -9.47
CA CYS A 260 23.85 -2.25 -9.41
C CYS A 260 23.95 -3.23 -8.24
C CYS A 260 23.77 -3.24 -8.28
N HIS A 261 23.53 -2.68 -7.10
CA HIS A 261 23.61 -3.36 -5.82
C HIS A 261 22.24 -3.51 -5.22
N VAL A 262 21.88 -4.75 -4.92
CA VAL A 262 20.52 -5.10 -4.51
C VAL A 262 20.49 -5.68 -3.13
N GLN A 263 19.77 -5.02 -2.24
CA GLN A 263 19.65 -5.44 -0.86
C GLN A 263 18.24 -5.84 -0.54
N HIS A 264 18.07 -6.99 0.11
CA HIS A 264 16.70 -7.49 0.41
C HIS A 264 16.76 -8.53 1.50
N GLU A 265 15.70 -8.65 2.33
CA GLU A 265 15.70 -9.60 3.46
C GLU A 265 15.96 -11.04 3.00
N GLY A 266 15.57 -11.34 1.77
CA GLY A 266 15.66 -12.71 1.23
C GLY A 266 17.00 -13.08 0.70
N LEU A 267 17.95 -12.12 0.78
CA LEU A 267 19.31 -12.24 0.26
C LEU A 267 20.33 -12.24 1.41
N PRO A 268 20.95 -13.38 1.70
CA PRO A 268 21.98 -13.41 2.75
C PRO A 268 23.07 -12.37 2.57
N LYS A 269 23.48 -12.13 1.32
CA LYS A 269 24.39 -11.08 1.00
C LYS A 269 23.84 -10.34 -0.18
N PRO A 270 24.08 -9.03 -0.24
CA PRO A 270 23.57 -8.30 -1.37
C PRO A 270 24.08 -8.82 -2.70
N LEU A 271 23.24 -8.64 -3.71
CA LEU A 271 23.62 -8.95 -5.08
C LEU A 271 24.30 -7.81 -5.74
N THR A 272 25.31 -8.08 -6.59
CA THR A 272 25.91 -7.06 -7.42
C THR A 272 25.81 -7.46 -8.88
N LEU A 273 25.22 -6.63 -9.73
CA LEU A 273 25.06 -6.89 -11.19
C LEU A 273 25.95 -5.94 -11.98
N ARG A 274 26.49 -6.43 -13.09
CA ARG A 274 27.39 -5.66 -13.97
C ARG A 274 27.08 -6.08 -15.42
N TRP A 275 26.99 -5.11 -16.31
CA TRP A 275 26.86 -5.31 -17.74
C TRP A 275 28.19 -5.85 -18.25
N GLU A 276 28.20 -7.11 -18.54
CA GLU A 276 29.40 -7.76 -19.09
C GLU A 276 29.00 -8.86 -20.09
N PRO A 277 27.66 -9.14 -20.23
CA PRO A 277 27.18 -9.22 -21.61
C PRO A 277 27.66 -8.01 -22.46
N MET B 1 -9.62 19.11 1.30
CA MET B 1 -8.56 20.03 1.90
C MET B 1 -7.24 20.00 1.12
N ILE B 2 -6.30 19.14 1.54
CA ILE B 2 -5.10 18.87 0.71
C ILE B 2 -5.62 18.02 -0.47
N GLN B 3 -5.11 18.32 -1.66
CA GLN B 3 -5.39 17.46 -2.81
C GLN B 3 -4.03 17.07 -3.37
N ARG B 4 -3.82 15.79 -3.53
CA ARG B 4 -2.57 15.28 -4.07
C ARG B 4 -2.85 14.48 -5.37
N THR B 5 -2.10 14.74 -6.44
CA THR B 5 -2.38 14.16 -7.73
C THR B 5 -1.74 12.76 -7.79
N PRO B 6 -2.41 11.83 -8.50
CA PRO B 6 -1.88 10.49 -8.57
C PRO B 6 -0.60 10.32 -9.41
N LYS B 7 0.33 9.54 -8.87
CA LYS B 7 1.40 8.97 -9.64
C LYS B 7 0.87 7.74 -10.34
N ILE B 8 1.41 7.43 -11.52
CA ILE B 8 0.85 6.36 -12.33
C ILE B 8 1.99 5.53 -12.91
N GLN B 9 1.97 4.23 -12.72
CA GLN B 9 2.85 3.34 -13.45
C GLN B 9 1.95 2.33 -14.19
N VAL B 10 2.35 1.98 -15.43
CA VAL B 10 1.65 1.00 -16.25
C VAL B 10 2.74 -0.04 -16.67
N TYR B 11 2.42 -1.28 -16.40
CA TYR B 11 3.44 -2.36 -16.53
C TYR B 11 2.76 -3.69 -16.56
N SER B 12 3.54 -4.70 -17.03
CA SER B 12 3.03 -6.08 -16.97
C SER B 12 3.46 -6.85 -15.71
N ARG B 13 2.70 -7.86 -15.34
CA ARG B 13 3.08 -8.67 -14.22
C ARG B 13 4.37 -9.45 -14.53
N HIS B 14 4.38 -10.06 -15.69
CA HIS B 14 5.52 -10.90 -16.17
C HIS B 14 6.19 -10.21 -17.33
N PRO B 15 7.45 -10.58 -17.62
CA PRO B 15 8.09 -10.03 -18.78
C PRO B 15 7.32 -10.26 -20.07
N ALA B 16 7.13 -9.22 -20.84
CA ALA B 16 6.27 -9.24 -22.00
C ALA B 16 6.89 -10.07 -23.13
N GLU B 17 6.08 -11.00 -23.66
CA GLU B 17 6.50 -11.75 -24.82
C GLU B 17 5.33 -11.70 -25.78
N ASN B 18 5.60 -11.27 -27.01
CA ASN B 18 4.50 -11.15 -27.97
C ASN B 18 3.76 -12.46 -28.15
N GLY B 19 2.45 -12.39 -28.06
CA GLY B 19 1.61 -13.57 -28.26
C GLY B 19 1.36 -14.40 -27.05
N LYS B 20 1.92 -14.09 -25.90
CA LYS B 20 1.77 -14.88 -24.71
C LYS B 20 1.00 -14.13 -23.62
N SER B 21 0.02 -14.82 -23.05
N SER B 21 -0.02 -14.77 -23.07
CA SER B 21 -0.82 -14.28 -22.01
CA SER B 21 -0.86 -14.07 -22.13
C SER B 21 -0.08 -13.69 -20.81
C SER B 21 -0.12 -13.69 -20.86
N ASN B 22 -0.60 -12.61 -20.26
CA ASN B 22 0.08 -11.92 -19.17
C ASN B 22 -1.01 -11.07 -18.44
N PHE B 23 -0.58 -10.16 -17.61
CA PHE B 23 -1.47 -9.26 -16.86
C PHE B 23 -0.96 -7.86 -17.02
N LEU B 24 -1.87 -6.92 -17.37
CA LEU B 24 -1.53 -5.52 -17.52
C LEU B 24 -2.03 -4.82 -16.22
N ASN B 25 -1.13 -4.09 -15.63
CA ASN B 25 -1.31 -3.37 -14.35
C ASN B 25 -1.23 -1.88 -14.59
N CYS B 26 -2.11 -1.13 -13.88
CA CYS B 26 -1.99 0.29 -13.73
C CYS B 26 -2.06 0.55 -12.18
N TYR B 27 -0.92 0.98 -11.65
CA TYR B 27 -0.77 1.28 -10.22
C TYR B 27 -0.86 2.75 -10.03
N VAL B 28 -1.87 3.21 -9.30
CA VAL B 28 -2.05 4.61 -9.01
C VAL B 28 -1.80 4.82 -7.53
N SER B 29 -1.04 5.84 -7.19
CA SER B 29 -0.60 6.02 -5.77
C SER B 29 -0.33 7.45 -5.48
N GLY B 30 -0.25 7.79 -4.19
CA GLY B 30 0.05 9.14 -3.84
C GLY B 30 -1.04 10.18 -3.95
N PHE B 31 -2.27 9.73 -4.03
CA PHE B 31 -3.39 10.63 -4.28
C PHE B 31 -4.27 10.87 -3.06
N HIS B 32 -4.97 11.97 -3.10
CA HIS B 32 -5.94 12.34 -2.08
C HIS B 32 -6.80 13.42 -2.71
N PRO B 33 -8.14 13.36 -2.60
CA PRO B 33 -8.91 12.34 -1.98
C PRO B 33 -9.01 11.02 -2.75
N SER B 34 -9.75 10.04 -2.20
CA SER B 34 -9.71 8.71 -2.74
C SER B 34 -10.52 8.43 -4.01
N ASP B 35 -11.51 9.25 -4.30
CA ASP B 35 -12.34 9.01 -5.52
C ASP B 35 -11.43 9.17 -6.75
N ILE B 36 -11.42 8.19 -7.63
CA ILE B 36 -10.54 8.20 -8.76
C ILE B 36 -11.20 7.33 -9.83
N GLU B 37 -10.95 7.67 -11.10
CA GLU B 37 -11.47 6.86 -12.21
C GLU B 37 -10.25 6.38 -12.98
N VAL B 38 -10.19 5.09 -13.22
CA VAL B 38 -9.07 4.47 -13.93
C VAL B 38 -9.61 3.48 -14.97
N ASP B 39 -9.14 3.64 -16.23
CA ASP B 39 -9.50 2.66 -17.28
C ASP B 39 -8.22 2.14 -17.88
N LEU B 40 -8.23 0.85 -18.22
CA LEU B 40 -7.22 0.31 -19.09
C LEU B 40 -7.72 0.29 -20.54
N LEU B 41 -6.84 0.68 -21.47
CA LEU B 41 -7.19 0.86 -22.85
C LEU B 41 -6.35 -0.03 -23.78
N LYS B 42 -7.02 -0.57 -24.77
CA LYS B 42 -6.34 -1.28 -25.88
C LYS B 42 -6.65 -0.54 -27.17
N ASN B 43 -5.62 -0.06 -27.85
CA ASN B 43 -5.78 0.79 -29.03
C ASN B 43 -6.83 1.89 -28.85
N GLY B 44 -6.72 2.57 -27.71
CA GLY B 44 -7.62 3.67 -27.35
C GLY B 44 -8.99 3.31 -26.78
N GLU B 45 -9.32 2.04 -26.71
CA GLU B 45 -10.67 1.61 -26.36
C GLU B 45 -10.67 0.94 -25.01
N ARG B 46 -11.73 1.22 -24.28
CA ARG B 46 -11.83 0.82 -22.89
C ARG B 46 -11.92 -0.71 -22.76
N ILE B 47 -11.04 -1.29 -21.96
CA ILE B 47 -11.09 -2.74 -21.65
C ILE B 47 -12.13 -2.97 -20.58
N GLU B 48 -13.00 -3.94 -20.83
CA GLU B 48 -14.11 -4.23 -19.93
C GLU B 48 -13.81 -5.07 -18.67
N LYS B 49 -13.09 -6.17 -18.73
CA LYS B 49 -13.08 -6.95 -17.48
C LYS B 49 -11.86 -6.51 -16.65
N VAL B 50 -11.97 -5.35 -16.00
CA VAL B 50 -10.81 -4.83 -15.25
C VAL B 50 -11.16 -4.92 -13.79
N GLU B 51 -10.26 -5.47 -13.02
CA GLU B 51 -10.42 -5.58 -11.57
C GLU B 51 -9.50 -4.66 -10.83
N HIS B 52 -9.76 -4.46 -9.55
CA HIS B 52 -8.90 -3.58 -8.77
C HIS B 52 -8.81 -4.06 -7.31
N SER B 53 -7.73 -3.61 -6.66
CA SER B 53 -7.50 -3.92 -5.26
C SER B 53 -8.40 -3.12 -4.32
N ASP B 54 -8.38 -3.49 -3.06
CA ASP B 54 -9.11 -2.80 -2.03
C ASP B 54 -8.35 -1.51 -1.58
N LEU B 55 -9.06 -0.40 -1.44
CA LEU B 55 -8.44 0.87 -1.13
C LEU B 55 -7.59 0.78 0.15
N SER B 56 -6.36 1.29 0.05
CA SER B 56 -5.51 1.36 1.28
C SER B 56 -4.71 2.63 1.15
N PHE B 57 -3.87 2.89 2.12
CA PHE B 57 -3.13 4.15 2.14
C PHE B 57 -1.77 3.98 2.79
N SER B 58 -0.94 4.94 2.49
CA SER B 58 0.44 4.94 2.90
C SER B 58 0.63 5.74 4.19
N LYS B 59 1.94 5.83 4.61
CA LYS B 59 2.29 6.51 5.81
C LYS B 59 1.90 8.01 5.82
N ASP B 60 1.88 8.61 4.64
CA ASP B 60 1.48 10.03 4.54
C ASP B 60 0.00 10.27 4.29
N TRP B 61 -0.78 9.21 4.48
CA TRP B 61 -2.23 9.15 4.28
C TRP B 61 -2.68 9.13 2.84
N SER B 62 -1.78 9.15 1.91
CA SER B 62 -2.20 9.09 0.50
C SER B 62 -2.61 7.68 0.10
N PHE B 63 -3.54 7.58 -0.84
CA PHE B 63 -4.11 6.30 -1.26
C PHE B 63 -3.39 5.61 -2.36
N TYR B 64 -3.57 4.30 -2.49
CA TYR B 64 -3.02 3.60 -3.63
C TYR B 64 -3.99 2.46 -4.00
N LEU B 65 -4.04 2.18 -5.31
CA LEU B 65 -4.87 1.14 -5.89
C LEU B 65 -4.08 0.50 -7.06
N LEU B 66 -4.29 -0.78 -7.23
CA LEU B 66 -3.87 -1.51 -8.43
C LEU B 66 -5.10 -1.91 -9.24
N TYR B 67 -5.10 -1.55 -10.52
CA TYR B 67 -6.08 -1.97 -11.53
C TYR B 67 -5.38 -2.94 -12.48
N TYR B 68 -6.08 -3.99 -12.86
CA TYR B 68 -5.40 -4.96 -13.68
C TYR B 68 -6.35 -5.79 -14.50
N THR B 69 -5.83 -6.34 -15.60
CA THR B 69 -6.60 -7.25 -16.42
C THR B 69 -5.65 -8.24 -17.12
N GLU B 70 -6.19 -9.41 -17.48
N GLU B 70 -6.16 -9.42 -17.44
CA GLU B 70 -5.50 -10.33 -18.38
CA GLU B 70 -5.42 -10.29 -18.34
C GLU B 70 -5.38 -9.75 -19.74
C GLU B 70 -5.27 -9.59 -19.65
N PHE B 71 -4.19 -9.86 -20.37
CA PHE B 71 -3.99 -9.34 -21.74
C PHE B 71 -2.91 -10.17 -22.47
N THR B 72 -2.89 -10.01 -23.78
CA THR B 72 -1.87 -10.63 -24.63
C THR B 72 -1.10 -9.58 -25.39
N PRO B 73 0.07 -9.23 -24.96
CA PRO B 73 0.79 -8.29 -25.76
C PRO B 73 1.14 -8.79 -27.16
N THR B 74 1.19 -7.84 -28.09
CA THR B 74 1.69 -8.06 -29.43
C THR B 74 2.67 -6.94 -29.87
N GLU B 75 3.24 -7.11 -31.07
CA GLU B 75 4.10 -6.11 -31.62
C GLU B 75 3.35 -4.77 -31.89
N LYS B 76 2.13 -4.82 -32.41
CA LYS B 76 1.41 -3.62 -32.91
C LYS B 76 0.46 -2.99 -31.92
N ASP B 77 -0.10 -3.76 -31.00
CA ASP B 77 -1.21 -3.24 -30.20
C ASP B 77 -0.70 -2.31 -29.11
N GLU B 78 -1.38 -1.17 -28.94
CA GLU B 78 -0.97 -0.20 -27.95
C GLU B 78 -1.85 -0.39 -26.71
N TYR B 79 -1.21 -0.39 -25.56
CA TYR B 79 -1.90 -0.45 -24.25
C TYR B 79 -1.59 0.80 -23.43
N ALA B 80 -2.57 1.23 -22.63
CA ALA B 80 -2.41 2.45 -21.86
C ALA B 80 -3.31 2.41 -20.64
N CYS B 81 -3.06 3.34 -19.70
CA CYS B 81 -3.94 3.57 -18.55
C CYS B 81 -4.45 4.99 -18.62
N ARG B 82 -5.75 5.21 -18.42
CA ARG B 82 -6.31 6.58 -18.43
C ARG B 82 -6.84 6.89 -17.03
N VAL B 83 -6.45 8.05 -16.47
CA VAL B 83 -6.79 8.33 -15.08
C VAL B 83 -7.44 9.65 -14.96
N ASN B 84 -8.53 9.72 -14.20
CA ASN B 84 -9.09 11.05 -13.87
C ASN B 84 -9.25 11.17 -12.33
N HIS B 85 -9.10 12.39 -11.87
CA HIS B 85 -9.08 12.72 -10.46
C HIS B 85 -9.33 14.17 -10.36
N VAL B 86 -9.81 14.60 -9.21
CA VAL B 86 -10.17 16.01 -9.01
C VAL B 86 -8.99 16.96 -9.25
N THR B 87 -7.76 16.48 -9.07
CA THR B 87 -6.54 17.29 -9.31
C THR B 87 -6.16 17.43 -10.79
N LEU B 88 -6.81 16.69 -11.67
CA LEU B 88 -6.51 16.75 -13.10
C LEU B 88 -7.60 17.49 -13.88
N SER B 89 -7.21 18.45 -14.69
CA SER B 89 -8.15 19.20 -15.50
C SER B 89 -8.69 18.36 -16.68
N GLN B 90 -7.98 17.32 -17.10
CA GLN B 90 -8.41 16.40 -18.14
C GLN B 90 -7.80 15.04 -17.77
N PRO B 91 -8.41 13.93 -18.21
CA PRO B 91 -7.84 12.62 -17.91
C PRO B 91 -6.39 12.52 -18.38
N LYS B 92 -5.56 11.84 -17.62
CA LYS B 92 -4.17 11.67 -17.99
C LYS B 92 -4.03 10.27 -18.59
N ILE B 93 -3.36 10.15 -19.75
CA ILE B 93 -3.11 8.85 -20.37
C ILE B 93 -1.63 8.51 -20.28
N VAL B 94 -1.31 7.30 -19.81
CA VAL B 94 0.09 6.83 -19.71
C VAL B 94 0.16 5.56 -20.52
N LYS B 95 1.01 5.59 -21.56
CA LYS B 95 1.19 4.43 -22.45
C LYS B 95 2.08 3.37 -21.82
N TRP B 96 1.70 2.12 -22.05
CA TRP B 96 2.54 0.99 -21.60
C TRP B 96 3.80 0.87 -22.45
N ASP B 97 4.94 0.82 -21.76
CA ASP B 97 6.24 0.57 -22.38
C ASP B 97 6.77 -0.67 -21.73
N ARG B 98 7.01 -1.71 -22.52
CA ARG B 98 7.32 -3.03 -21.96
C ARG B 98 8.68 -3.07 -21.27
N ASP B 99 9.45 -1.99 -21.47
CA ASP B 99 10.80 -1.93 -20.90
C ASP B 99 10.87 -1.09 -19.63
N MET B 100 9.72 -0.72 -19.10
CA MET B 100 9.63 0.13 -17.89
C MET B 100 8.62 -0.36 -16.86
N ARG C 1 -6.95 -9.89 14.20
N ARG C 1 -6.74 -9.89 14.29
CA ARG C 1 -8.02 -9.72 15.24
CA ARG C 1 -7.99 -9.70 15.09
C ARG C 1 -8.07 -8.23 15.53
C ARG C 1 -8.06 -8.23 15.48
N GLN C 2 -9.18 -7.58 15.18
CA GLN C 2 -9.33 -6.18 15.44
C GLN C 2 -9.50 -5.84 16.92
N PHE C 3 -9.19 -4.56 17.21
CA PHE C 3 -9.48 -3.97 18.52
C PHE C 3 -10.99 -4.02 18.72
N GLY C 4 -11.40 -4.27 19.93
CA GLY C 4 -12.84 -4.17 20.28
C GLY C 4 -13.05 -3.74 21.70
N PRO C 5 -14.31 -3.46 22.03
CA PRO C 5 -15.50 -3.68 21.13
C PRO C 5 -15.72 -2.57 20.11
N ASP C 6 -15.16 -1.40 20.39
CA ASP C 6 -15.36 -0.25 19.53
C ASP C 6 -14.38 0.86 19.85
N PHE C 7 -14.18 1.75 18.90
CA PHE C 7 -13.43 2.96 19.11
C PHE C 7 -14.31 4.06 19.63
N PRO C 8 -13.77 4.91 20.50
CA PRO C 8 -14.52 6.05 20.95
C PRO C 8 -14.67 7.01 19.76
N THR C 9 -15.71 7.84 19.86
CA THR C 9 -15.84 8.94 18.90
C THR C 9 -14.88 10.10 19.18
N ILE C 10 -14.51 10.81 18.16
CA ILE C 10 -13.57 12.02 18.32
C ILE C 10 -14.35 13.12 19.08
#